data_5N91
#
_entry.id   5N91
#
_cell.length_a   34.910
_cell.length_b   43.365
_cell.length_c   43.652
_cell.angle_alpha   61.15
_cell.angle_beta   84.25
_cell.angle_gamma   84.33
#
_symmetry.space_group_name_H-M   'P 1'
#
loop_
_entity.id
_entity.type
_entity.pdbx_description
1 polymer 'Protein enabled homolog'
2 polymer Ac-[2-Cl-F]-PPPP-OH
3 non-polymer 'NITRATE ION'
4 water water
#
loop_
_entity_poly.entity_id
_entity_poly.type
_entity_poly.pdbx_seq_one_letter_code
_entity_poly.pdbx_strand_id
1 'polypeptide(L)'
;GSMSEQSICQARAAVMVYDDANKKWVPAGGSTGFSRVHIYHHTGNNTFRVVGRKIQDHQVVINCAIPKGLKYNQATQTFH
QWRDARQVYGLNFGSKEDANVFASAMMHALEVL
;
A,B
2 'polypeptide(L)' (ACE)(2L5)PPPP E,F,G
#
# COMPACT_ATOMS: atom_id res chain seq x y z
N GLY A 1 -1.19 -21.27 -5.84
CA GLY A 1 -0.32 -20.06 -5.96
C GLY A 1 1.09 -20.44 -6.32
N SER A 2 1.78 -21.10 -5.39
CA SER A 2 2.99 -21.83 -5.77
C SER A 2 2.65 -22.97 -6.73
N MET A 3 1.43 -23.49 -6.63
CA MET A 3 0.98 -24.53 -7.55
C MET A 3 0.77 -23.95 -8.95
N SER A 4 0.30 -22.70 -9.04
CA SER A 4 -0.18 -22.15 -10.30
CA SER A 4 -0.18 -22.15 -10.30
C SER A 4 0.73 -21.12 -10.94
N GLU A 5 1.68 -20.55 -10.20
CA GLU A 5 2.51 -19.46 -10.71
C GLU A 5 4.00 -19.78 -10.59
N GLN A 6 4.74 -19.41 -11.64
CA GLN A 6 6.19 -19.53 -11.65
C GLN A 6 6.80 -18.15 -11.79
N SER A 7 7.87 -17.91 -11.05
CA SER A 7 8.61 -16.67 -11.21
C SER A 7 9.41 -16.73 -12.50
N ILE A 8 9.37 -15.65 -13.27
CA ILE A 8 10.17 -15.53 -14.48
C ILE A 8 11.31 -14.55 -14.33
N CYS A 9 11.36 -13.81 -13.22
CA CYS A 9 12.51 -12.98 -12.93
C CYS A 9 12.41 -12.49 -11.50
N GLN A 10 13.54 -12.09 -10.96
CA GLN A 10 13.58 -11.35 -9.71
C GLN A 10 14.61 -10.26 -9.88
N ALA A 11 14.26 -9.06 -9.43
CA ALA A 11 15.13 -7.89 -9.56
C ALA A 11 15.03 -7.06 -8.30
N ARG A 12 16.14 -6.39 -7.97
CA ARG A 12 16.22 -5.53 -6.80
C ARG A 12 15.79 -4.12 -7.19
N ALA A 13 14.76 -3.60 -6.51
CA ALA A 13 14.28 -2.26 -6.84
C ALA A 13 13.54 -1.66 -5.65
N ALA A 14 13.64 -0.33 -5.53
CA ALA A 14 12.75 0.42 -4.66
C ALA A 14 11.48 0.73 -5.43
N VAL A 15 10.36 0.22 -4.93
CA VAL A 15 9.07 0.33 -5.59
C VAL A 15 8.39 1.61 -5.11
N MET A 16 8.01 2.45 -6.07
N MET A 16 7.88 2.41 -6.04
CA MET A 16 7.38 3.73 -5.83
CA MET A 16 7.23 3.65 -5.64
C MET A 16 5.99 3.72 -6.45
C MET A 16 5.99 3.91 -6.49
N VAL A 17 5.14 4.60 -5.93
N VAL A 17 5.03 4.57 -5.85
CA VAL A 17 3.87 4.94 -6.55
CA VAL A 17 3.74 4.93 -6.45
C VAL A 17 3.77 6.45 -6.62
C VAL A 17 3.70 6.45 -6.57
N TYR A 18 3.09 6.94 -7.66
CA TYR A 18 3.01 8.37 -7.90
C TYR A 18 1.79 8.94 -7.19
N ASP A 19 2.01 9.91 -6.31
CA ASP A 19 0.95 10.64 -5.64
C ASP A 19 0.59 11.83 -6.54
N ASP A 20 -0.40 11.62 -7.41
N ASP A 20 -0.39 11.64 -7.41
CA ASP A 20 -0.77 12.66 -8.36
CA ASP A 20 -0.70 12.71 -8.35
C ASP A 20 -1.32 13.88 -7.65
C ASP A 20 -1.32 13.91 -7.64
N ALA A 21 -2.06 13.68 -6.55
CA ALA A 21 -2.63 14.80 -5.81
C ALA A 21 -1.54 15.74 -5.32
N ASN A 22 -0.40 15.19 -4.90
CA ASN A 22 0.73 15.95 -4.40
C ASN A 22 1.86 16.08 -5.41
N LYS A 23 1.73 15.47 -6.59
CA LYS A 23 2.73 15.54 -7.66
C LYS A 23 4.13 15.09 -7.20
N LYS A 24 4.19 13.91 -6.59
CA LYS A 24 5.47 13.36 -6.16
C LYS A 24 5.38 11.85 -5.99
N TRP A 25 6.53 11.19 -6.13
CA TRP A 25 6.63 9.75 -5.90
C TRP A 25 6.70 9.47 -4.40
N VAL A 26 6.05 8.40 -3.98
CA VAL A 26 6.12 7.98 -2.58
C VAL A 26 6.48 6.50 -2.54
N PRO A 27 7.15 6.02 -1.50
CA PRO A 27 7.48 4.60 -1.43
C PRO A 27 6.22 3.75 -1.35
N ALA A 28 6.16 2.71 -2.17
CA ALA A 28 5.05 1.76 -2.09
C ALA A 28 5.03 1.10 -0.71
N GLY A 29 3.83 0.93 -0.16
CA GLY A 29 3.67 0.37 1.17
C GLY A 29 4.04 1.32 2.29
N GLY A 30 4.48 2.53 1.98
CA GLY A 30 4.78 3.56 2.95
C GLY A 30 6.14 3.49 3.60
N SER A 31 7.05 2.65 3.11
CA SER A 31 8.31 2.43 3.80
C SER A 31 9.43 2.37 2.77
N THR A 32 10.32 3.35 2.83
CA THR A 32 11.44 3.44 1.91
C THR A 32 12.39 2.27 2.09
N GLY A 33 12.91 1.77 0.99
CA GLY A 33 13.84 0.65 1.00
C GLY A 33 13.65 -0.20 -0.24
N PHE A 34 14.58 -1.12 -0.42
CA PHE A 34 14.58 -1.99 -1.59
C PHE A 34 13.74 -3.24 -1.35
N SER A 35 13.14 -3.71 -2.43
CA SER A 35 12.34 -4.92 -2.45
C SER A 35 12.90 -5.89 -3.48
N ARG A 36 12.52 -7.16 -3.35
CA ARG A 36 12.75 -8.17 -4.36
C ARG A 36 11.46 -8.25 -5.17
N VAL A 37 11.55 -7.86 -6.44
CA VAL A 37 10.39 -7.73 -7.31
C VAL A 37 10.40 -8.87 -8.32
N HIS A 38 9.33 -9.66 -8.33
CA HIS A 38 9.16 -10.75 -9.27
C HIS A 38 8.10 -10.38 -10.30
N ILE A 39 8.21 -10.99 -11.47
CA ILE A 39 7.09 -11.20 -12.36
C ILE A 39 6.72 -12.66 -12.24
N TYR A 40 5.45 -12.92 -11.92
CA TYR A 40 4.93 -14.27 -11.80
C TYR A 40 4.04 -14.57 -12.99
N HIS A 41 4.22 -15.76 -13.56
CA HIS A 41 3.48 -16.22 -14.71
C HIS A 41 2.52 -17.31 -14.23
N HIS A 42 1.22 -17.03 -14.34
CA HIS A 42 0.21 -18.06 -14.09
C HIS A 42 0.07 -18.84 -15.39
N THR A 43 0.65 -20.03 -15.42
CA THR A 43 0.80 -20.78 -16.66
C THR A 43 -0.54 -21.31 -17.16
N GLY A 44 -1.50 -21.56 -16.27
CA GLY A 44 -2.79 -22.06 -16.71
C GLY A 44 -3.59 -21.01 -17.47
N ASN A 45 -3.57 -19.77 -17.00
CA ASN A 45 -4.33 -18.69 -17.65
C ASN A 45 -3.47 -17.87 -18.59
N ASN A 46 -2.16 -18.09 -18.62
CA ASN A 46 -1.24 -17.23 -19.36
C ASN A 46 -1.43 -15.77 -18.94
N THR A 47 -1.44 -15.55 -17.64
CA THR A 47 -1.50 -14.21 -17.07
C THR A 47 -0.24 -13.96 -16.24
N PHE A 48 0.06 -12.68 -16.05
CA PHE A 48 1.26 -12.26 -15.35
C PHE A 48 0.90 -11.19 -14.32
N ARG A 49 1.69 -11.14 -13.24
CA ARG A 49 1.57 -10.07 -12.27
C ARG A 49 2.94 -9.75 -11.70
N VAL A 50 3.09 -8.50 -11.26
CA VAL A 50 4.27 -8.01 -10.56
C VAL A 50 4.00 -8.09 -9.06
N VAL A 51 4.91 -8.74 -8.33
CA VAL A 51 4.80 -8.88 -6.88
C VAL A 51 6.14 -8.52 -6.27
N GLY A 52 6.14 -7.61 -5.32
CA GLY A 52 7.37 -7.18 -4.67
C GLY A 52 7.27 -7.20 -3.16
N ARG A 53 8.35 -7.61 -2.51
CA ARG A 53 8.42 -7.70 -1.06
C ARG A 53 9.68 -7.04 -0.53
N LYS A 54 9.54 -6.21 0.50
CA LYS A 54 10.69 -5.58 1.15
C LYS A 54 11.70 -6.63 1.57
N ILE A 55 12.98 -6.37 1.29
CA ILE A 55 14.03 -7.30 1.69
C ILE A 55 14.04 -7.50 3.20
N GLN A 56 13.84 -6.42 3.96
CA GLN A 56 14.01 -6.45 5.41
C GLN A 56 12.86 -7.17 6.11
N ASP A 57 11.65 -6.63 6.05
CA ASP A 57 10.51 -7.19 6.78
C ASP A 57 9.54 -7.97 5.89
N HIS A 58 9.83 -8.10 4.60
CA HIS A 58 9.06 -8.95 3.68
C HIS A 58 7.65 -8.43 3.40
N GLN A 59 7.37 -7.17 3.70
CA GLN A 59 6.06 -6.60 3.42
C GLN A 59 5.81 -6.60 1.90
N VAL A 60 4.63 -7.05 1.50
CA VAL A 60 4.24 -6.94 0.09
C VAL A 60 3.92 -5.49 -0.21
N VAL A 61 4.68 -4.89 -1.11
CA VAL A 61 4.50 -3.49 -1.47
C VAL A 61 3.93 -3.28 -2.86
N ILE A 62 3.92 -4.31 -3.70
CA ILE A 62 3.32 -4.22 -5.03
C ILE A 62 2.78 -5.60 -5.38
N ASN A 63 1.60 -5.60 -6.00
CA ASN A 63 0.93 -6.82 -6.41
C ASN A 63 -0.08 -6.38 -7.48
N CYS A 64 0.37 -6.26 -8.72
N CYS A 64 0.38 -6.34 -8.73
CA CYS A 64 -0.44 -5.66 -9.76
CA CYS A 64 -0.30 -5.63 -9.81
C CYS A 64 -0.38 -6.49 -11.02
C CYS A 64 -0.36 -6.51 -11.05
N ALA A 65 -1.55 -6.68 -11.63
CA ALA A 65 -1.65 -7.41 -12.88
C ALA A 65 -0.93 -6.64 -13.99
N ILE A 66 -0.38 -7.39 -14.94
CA ILE A 66 0.16 -6.82 -16.17
C ILE A 66 -0.89 -7.03 -17.26
N PRO A 67 -1.62 -5.99 -17.67
CA PRO A 67 -2.61 -6.17 -18.73
C PRO A 67 -1.98 -6.24 -20.12
N LYS A 68 -2.66 -6.95 -21.00
CA LYS A 68 -2.25 -6.98 -22.40
C LYS A 68 -2.27 -5.56 -22.96
N GLY A 69 -1.22 -5.21 -23.71
CA GLY A 69 -1.10 -3.90 -24.30
C GLY A 69 -0.45 -2.85 -23.43
N LEU A 70 0.04 -3.21 -22.25
CA LEU A 70 0.65 -2.24 -21.35
C LEU A 70 1.79 -1.51 -22.04
N LYS A 71 1.89 -0.21 -21.80
CA LYS A 71 3.03 0.59 -22.22
C LYS A 71 4.03 0.67 -21.06
N TYR A 72 5.16 0.00 -21.21
CA TYR A 72 6.20 -0.04 -20.19
C TYR A 72 7.27 0.99 -20.56
N ASN A 73 7.44 1.99 -19.70
CA ASN A 73 8.30 3.13 -19.99
C ASN A 73 9.65 2.96 -19.31
N GLN A 74 10.72 2.86 -20.10
CA GLN A 74 12.08 2.85 -19.59
C GLN A 74 12.60 4.28 -19.64
N ALA A 75 12.18 5.05 -18.63
CA ALA A 75 12.54 6.46 -18.55
C ALA A 75 14.06 6.65 -18.53
N THR A 76 14.75 5.86 -17.71
CA THR A 76 16.20 5.86 -17.66
C THR A 76 16.65 4.41 -17.57
N GLN A 77 17.97 4.20 -17.52
CA GLN A 77 18.49 2.84 -17.48
C GLN A 77 18.25 2.16 -16.14
N THR A 78 17.91 2.93 -15.09
CA THR A 78 17.64 2.34 -13.78
C THR A 78 16.30 2.77 -13.16
N PHE A 79 15.44 3.46 -13.90
CA PHE A 79 14.10 3.78 -13.42
C PHE A 79 13.09 3.51 -14.53
N HIS A 80 12.20 2.54 -14.31
CA HIS A 80 11.15 2.22 -15.25
C HIS A 80 9.79 2.40 -14.59
N GLN A 81 8.76 2.61 -15.40
CA GLN A 81 7.44 2.94 -14.88
C GLN A 81 6.37 2.46 -15.83
N TRP A 82 5.18 2.25 -15.26
CA TRP A 82 3.98 1.97 -16.03
C TRP A 82 2.79 2.44 -15.23
N ARG A 83 1.62 2.44 -15.85
CA ARG A 83 0.40 2.87 -15.17
C ARG A 83 -0.72 1.87 -15.42
N ASP A 84 -1.68 1.89 -14.51
CA ASP A 84 -2.96 1.23 -14.69
C ASP A 84 -4.07 2.28 -14.62
N ALA A 85 -5.30 1.81 -14.57
CA ALA A 85 -6.44 2.70 -14.41
C ALA A 85 -6.44 3.40 -13.06
N ARG A 86 -5.67 2.90 -12.09
CA ARG A 86 -5.66 3.42 -10.73
C ARG A 86 -4.38 4.17 -10.40
N GLN A 87 -3.23 3.55 -10.64
CA GLN A 87 -1.97 4.01 -10.10
C GLN A 87 -0.91 4.09 -11.19
N VAL A 88 0.13 4.87 -10.92
CA VAL A 88 1.37 4.85 -11.67
C VAL A 88 2.42 4.24 -10.76
N TYR A 89 3.08 3.20 -11.27
CA TYR A 89 4.12 2.50 -10.55
C TYR A 89 5.49 2.83 -11.13
N GLY A 90 6.47 2.89 -10.25
CA GLY A 90 7.85 3.10 -10.65
C GLY A 90 8.77 2.15 -9.92
N LEU A 91 9.79 1.68 -10.65
CA LEU A 91 10.82 0.82 -10.08
C LEU A 91 12.16 1.53 -10.22
N ASN A 92 12.78 1.85 -9.09
CA ASN A 92 14.12 2.44 -9.05
C ASN A 92 15.09 1.29 -8.76
N PHE A 93 15.68 0.75 -9.81
CA PHE A 93 16.43 -0.48 -9.70
C PHE A 93 17.77 -0.26 -9.01
N GLY A 94 18.24 -1.31 -8.34
CA GLY A 94 19.53 -1.24 -7.67
C GLY A 94 20.71 -1.21 -8.61
N SER A 95 20.52 -1.62 -9.86
CA SER A 95 21.59 -1.62 -10.83
C SER A 95 20.99 -1.75 -12.21
N LYS A 96 21.79 -1.44 -13.24
CA LYS A 96 21.33 -1.61 -14.61
C LYS A 96 21.13 -3.09 -14.94
N GLU A 97 21.87 -3.98 -14.30
CA GLU A 97 21.65 -5.41 -14.48
C GLU A 97 20.26 -5.81 -13.99
N ASP A 98 19.88 -5.33 -12.81
CA ASP A 98 18.52 -5.57 -12.31
C ASP A 98 17.47 -5.03 -13.26
N ALA A 99 17.69 -3.80 -13.75
CA ALA A 99 16.75 -3.19 -14.69
C ALA A 99 16.62 -4.00 -15.98
N ASN A 100 17.74 -4.46 -16.52
CA ASN A 100 17.70 -5.28 -17.74
C ASN A 100 16.98 -6.59 -17.50
N VAL A 101 17.22 -7.24 -16.36
CA VAL A 101 16.54 -8.49 -16.04
C VAL A 101 15.03 -8.28 -15.99
N PHE A 102 14.57 -7.23 -15.28
CA PHE A 102 13.15 -7.01 -15.15
C PHE A 102 12.52 -6.58 -16.47
N ALA A 103 13.16 -5.64 -17.17
CA ALA A 103 12.63 -5.22 -18.47
C ALA A 103 12.56 -6.39 -19.44
N SER A 104 13.60 -7.21 -19.50
CA SER A 104 13.58 -8.38 -20.39
CA SER A 104 13.58 -8.38 -20.38
C SER A 104 12.38 -9.26 -20.10
N ALA A 105 12.08 -9.50 -18.82
CA ALA A 105 10.97 -10.35 -18.45
C ALA A 105 9.63 -9.68 -18.74
N MET A 106 9.52 -8.38 -18.42
CA MET A 106 8.31 -7.63 -18.71
C MET A 106 8.01 -7.64 -20.20
N MET A 107 9.02 -7.41 -21.02
CA MET A 107 8.83 -7.41 -22.47
C MET A 107 8.46 -8.80 -22.99
N HIS A 108 9.01 -9.86 -22.40
CA HIS A 108 8.59 -11.20 -22.78
C HIS A 108 7.12 -11.42 -22.45
N ALA A 109 6.72 -11.05 -21.23
CA ALA A 109 5.32 -11.17 -20.83
C ALA A 109 4.41 -10.42 -21.79
N LEU A 110 4.80 -9.23 -22.20
CA LEU A 110 3.95 -8.41 -23.06
C LEU A 110 3.88 -8.97 -24.48
N GLU A 111 4.94 -9.65 -24.92
CA GLU A 111 4.89 -10.38 -26.19
C GLU A 111 3.99 -11.61 -26.08
N VAL A 112 4.01 -12.28 -24.93
CA VAL A 112 3.29 -13.53 -24.75
C VAL A 112 1.80 -13.31 -24.46
N LEU A 113 1.43 -12.17 -23.88
CA LEU A 113 0.03 -11.88 -23.58
C LEU A 113 -0.76 -11.68 -24.86
N SER B 4 -20.86 -10.42 6.83
CA SER B 4 -20.63 -10.97 8.16
C SER B 4 -20.00 -9.93 9.09
N GLU B 5 -19.50 -8.83 8.53
CA GLU B 5 -18.93 -7.74 9.30
C GLU B 5 -19.81 -6.49 9.19
N GLN B 6 -20.00 -5.81 10.32
CA GLN B 6 -20.82 -4.61 10.38
C GLN B 6 -20.00 -3.41 10.84
N SER B 7 -20.28 -2.26 10.24
CA SER B 7 -19.61 -1.02 10.61
C SER B 7 -20.12 -0.52 11.95
N ILE B 8 -19.19 -0.08 12.80
CA ILE B 8 -19.53 0.54 14.08
C ILE B 8 -19.26 2.03 14.10
N CYS B 9 -18.59 2.57 13.08
CA CYS B 9 -18.42 4.01 12.94
C CYS B 9 -17.90 4.30 11.54
N GLN B 10 -18.10 5.54 11.11
CA GLN B 10 -17.43 6.02 9.91
C GLN B 10 -17.00 7.45 10.19
N ALA B 11 -15.76 7.78 9.82
CA ALA B 11 -15.23 9.10 10.05
C ALA B 11 -14.38 9.52 8.87
N ARG B 12 -14.32 10.83 8.66
CA ARG B 12 -13.55 11.44 7.58
C ARG B 12 -12.13 11.68 8.08
N ALA B 13 -11.14 11.13 7.38
CA ALA B 13 -9.75 11.30 7.78
C ALA B 13 -8.83 11.06 6.60
N ALA B 14 -7.73 11.81 6.56
CA ALA B 14 -6.63 11.48 5.68
C ALA B 14 -5.75 10.46 6.39
N VAL B 15 -5.64 9.27 5.81
CA VAL B 15 -4.92 8.18 6.43
C VAL B 15 -3.47 8.27 6.00
N MET B 16 -2.56 8.18 6.98
N MET B 16 -2.54 8.15 6.95
CA MET B 16 -1.13 8.26 6.79
CA MET B 16 -1.13 8.19 6.59
C MET B 16 -0.47 7.00 7.31
C MET B 16 -0.34 7.18 7.41
N VAL B 17 0.76 6.77 6.85
N VAL B 17 0.78 6.77 6.83
CA VAL B 17 1.66 5.82 7.47
CA VAL B 17 1.70 5.79 7.39
C VAL B 17 3.02 6.50 7.64
C VAL B 17 3.03 6.49 7.62
N TYR B 18 3.73 6.09 8.68
CA TYR B 18 5.01 6.71 9.00
C TYR B 18 6.12 6.00 8.23
N ASP B 19 6.88 6.77 7.46
CA ASP B 19 8.04 6.25 6.72
C ASP B 19 9.24 6.33 7.65
N ASP B 20 9.46 5.24 8.37
N ASP B 20 9.49 5.22 8.34
CA ASP B 20 10.54 5.20 9.36
CA ASP B 20 10.53 5.22 9.38
C ASP B 20 11.84 5.70 8.76
C ASP B 20 11.89 5.62 8.81
N ALA B 21 12.20 5.20 7.58
CA ALA B 21 13.52 5.46 7.03
C ALA B 21 13.74 6.93 6.72
N ASN B 22 12.70 7.61 6.23
CA ASN B 22 12.79 8.99 5.82
C ASN B 22 12.25 9.95 6.88
N LYS B 23 11.78 9.42 8.01
CA LYS B 23 11.32 10.22 9.13
C LYS B 23 10.24 11.22 8.72
N LYS B 24 9.21 10.72 8.04
CA LYS B 24 8.08 11.56 7.67
C LYS B 24 6.85 10.70 7.40
N TRP B 25 5.68 11.33 7.55
CA TRP B 25 4.41 10.71 7.21
C TRP B 25 4.19 10.76 5.71
N VAL B 26 3.61 9.70 5.17
CA VAL B 26 3.25 9.64 3.75
C VAL B 26 1.80 9.18 3.64
N PRO B 27 1.08 9.58 2.59
CA PRO B 27 -0.32 9.15 2.46
C PRO B 27 -0.42 7.65 2.31
N ALA B 28 -1.35 7.05 3.06
CA ALA B 28 -1.64 5.64 2.93
C ALA B 28 -2.11 5.34 1.52
N GLY B 29 -1.64 4.22 0.96
CA GLY B 29 -1.97 3.86 -0.40
C GLY B 29 -1.31 4.71 -1.45
N GLY B 30 -0.49 5.68 -1.07
CA GLY B 30 0.22 6.48 -2.03
C GLY B 30 -0.59 7.62 -2.62
N SER B 31 -1.72 7.96 -2.01
CA SER B 31 -2.69 8.87 -2.62
C SER B 31 -3.16 9.88 -1.58
N THR B 32 -2.76 11.14 -1.78
CA THR B 32 -3.14 12.21 -0.87
C THR B 32 -4.63 12.47 -0.98
N GLY B 33 -5.27 12.70 0.16
CA GLY B 33 -6.68 12.97 0.17
C GLY B 33 -7.39 12.34 1.35
N PHE B 34 -8.66 12.68 1.52
CA PHE B 34 -9.46 12.16 2.61
C PHE B 34 -10.13 10.86 2.22
N SER B 35 -10.28 9.99 3.21
CA SER B 35 -10.96 8.71 3.09
C SER B 35 -12.12 8.66 4.08
N ARG B 36 -13.04 7.73 3.84
CA ARG B 36 -14.07 7.38 4.80
C ARG B 36 -13.55 6.14 5.54
N VAL B 37 -13.29 6.30 6.83
CA VAL B 37 -12.63 5.27 7.64
C VAL B 37 -13.67 4.66 8.58
N HIS B 38 -13.82 3.34 8.51
CA HIS B 38 -14.71 2.56 9.36
C HIS B 38 -13.91 1.71 10.33
N ILE B 39 -14.55 1.39 11.45
CA ILE B 39 -14.22 0.20 12.24
C ILE B 39 -15.32 -0.81 12.00
N TYR B 40 -14.95 -2.00 11.52
CA TYR B 40 -15.87 -3.09 11.26
C TYR B 40 -15.71 -4.15 12.35
N HIS B 41 -16.84 -4.64 12.85
CA HIS B 41 -16.86 -5.64 13.90
C HIS B 41 -17.38 -6.96 13.33
N HIS B 42 -16.55 -8.00 13.35
CA HIS B 42 -16.99 -9.36 13.02
C HIS B 42 -17.55 -9.99 14.31
N THR B 43 -18.86 -10.11 14.39
CA THR B 43 -19.50 -10.50 15.64
C THR B 43 -19.22 -11.96 16.00
N GLY B 44 -19.00 -12.82 15.01
CA GLY B 44 -18.76 -14.23 15.31
C GLY B 44 -17.44 -14.47 16.02
N ASN B 45 -16.39 -13.78 15.59
CA ASN B 45 -15.06 -13.93 16.18
C ASN B 45 -14.76 -12.87 17.21
N ASN B 46 -15.63 -11.87 17.38
CA ASN B 46 -15.36 -10.72 18.23
C ASN B 46 -14.05 -10.06 17.84
N THR B 47 -13.87 -9.83 16.55
CA THR B 47 -12.70 -9.13 16.04
C THR B 47 -13.13 -7.84 15.36
N PHE B 48 -12.20 -6.91 15.31
CA PHE B 48 -12.43 -5.59 14.74
C PHE B 48 -11.30 -5.28 13.76
N ARG B 49 -11.61 -4.47 12.75
CA ARG B 49 -10.57 -3.99 11.86
C ARG B 49 -10.91 -2.58 11.39
N VAL B 50 -9.88 -1.81 11.08
CA VAL B 50 -10.01 -0.47 10.50
C VAL B 50 -9.89 -0.62 9.00
N VAL B 51 -10.89 -0.10 8.28
CA VAL B 51 -10.92 -0.13 6.82
C VAL B 51 -11.25 1.27 6.30
N GLY B 52 -10.42 1.79 5.43
CA GLY B 52 -10.64 3.11 4.87
C GLY B 52 -10.54 3.12 3.36
N ARG B 53 -11.41 3.91 2.73
CA ARG B 53 -11.47 4.02 1.28
C ARG B 53 -11.49 5.49 0.87
N LYS B 54 -10.65 5.85 -0.11
CA LYS B 54 -10.62 7.21 -0.64
C LYS B 54 -12.02 7.64 -1.08
N ILE B 55 -12.39 8.87 -0.75
CA ILE B 55 -13.69 9.39 -1.17
C ILE B 55 -13.81 9.37 -2.70
N GLN B 56 -12.73 9.74 -3.40
CA GLN B 56 -12.78 9.92 -4.85
C GLN B 56 -12.82 8.61 -5.61
N ASP B 57 -11.74 7.82 -5.56
CA ASP B 57 -11.66 6.60 -6.37
C ASP B 57 -11.95 5.33 -5.58
N HIS B 58 -12.28 5.44 -4.29
CA HIS B 58 -12.71 4.32 -3.47
C HIS B 58 -11.61 3.30 -3.24
N GLN B 59 -10.36 3.67 -3.50
CA GLN B 59 -9.23 2.77 -3.25
C GLN B 59 -9.14 2.47 -1.77
N VAL B 60 -8.97 1.20 -1.43
CA VAL B 60 -8.73 0.83 -0.04
C VAL B 60 -7.31 1.24 0.35
N VAL B 61 -7.19 2.13 1.33
CA VAL B 61 -5.90 2.64 1.77
C VAL B 61 -5.48 2.13 3.13
N ILE B 62 -6.39 1.54 3.89
CA ILE B 62 -6.04 0.93 5.17
C ILE B 62 -6.97 -0.22 5.40
N ASN B 63 -6.42 -1.31 5.93
CA ASN B 63 -7.18 -2.52 6.23
C ASN B 63 -6.34 -3.26 7.27
N CYS B 64 -6.53 -2.91 8.54
N CYS B 64 -6.59 -2.95 8.54
CA CYS B 64 -5.65 -3.42 9.57
CA CYS B 64 -5.71 -3.31 9.63
C CYS B 64 -6.46 -3.87 10.78
C CYS B 64 -6.52 -3.88 10.79
N ALA B 65 -6.10 -5.04 11.31
CA ALA B 65 -6.74 -5.59 12.49
C ALA B 65 -6.45 -4.70 13.71
N ILE B 66 -7.41 -4.68 14.63
CA ILE B 66 -7.21 -4.06 15.94
C ILE B 66 -6.96 -5.18 16.96
N PRO B 67 -5.71 -5.39 17.40
CA PRO B 67 -5.47 -6.43 18.41
C PRO B 67 -5.84 -5.97 19.79
N LYS B 68 -6.20 -6.93 20.64
CA LYS B 68 -6.45 -6.65 22.04
C LYS B 68 -5.21 -6.03 22.66
N GLY B 69 -5.42 -5.01 23.48
CA GLY B 69 -4.32 -4.33 24.15
C GLY B 69 -3.68 -3.22 23.36
N LEU B 70 -4.20 -2.90 22.17
N LEU B 70 -4.20 -2.89 22.17
CA LEU B 70 -3.62 -1.85 21.36
CA LEU B 70 -3.60 -1.85 21.35
C LEU B 70 -3.60 -0.52 22.12
C LEU B 70 -3.60 -0.52 22.10
N LYS B 71 -2.49 0.20 22.00
CA LYS B 71 -2.36 1.54 22.55
C LYS B 71 -2.73 2.54 21.46
N TYR B 72 -3.86 3.20 21.62
CA TYR B 72 -4.36 4.18 20.66
C TYR B 72 -3.97 5.56 21.17
N ASN B 73 -3.14 6.26 20.42
CA ASN B 73 -2.58 7.53 20.86
C ASN B 73 -3.34 8.68 20.22
N GLN B 74 -3.99 9.49 21.05
CA GLN B 74 -4.66 10.71 20.61
C GLN B 74 -3.67 11.85 20.78
N ALA B 75 -2.74 11.94 19.83
CA ALA B 75 -1.69 12.94 19.89
C ALA B 75 -2.27 14.35 20.00
N THR B 76 -3.26 14.65 19.17
CA THR B 76 -3.98 15.90 19.25
C THR B 76 -5.47 15.59 19.06
N GLN B 77 -6.30 16.64 19.13
CA GLN B 77 -7.74 16.44 19.02
C GLN B 77 -8.16 16.03 17.61
N THR B 78 -7.30 16.20 16.61
CA THR B 78 -7.62 15.82 15.24
C THR B 78 -6.58 14.93 14.57
N PHE B 79 -5.58 14.44 15.32
CA PHE B 79 -4.62 13.48 14.77
C PHE B 79 -4.40 12.37 15.79
N HIS B 80 -4.80 11.16 15.45
CA HIS B 80 -4.60 9.99 16.28
C HIS B 80 -3.77 8.96 15.53
N GLN B 81 -3.09 8.10 16.28
CA GLN B 81 -2.15 7.17 15.68
C GLN B 81 -2.09 5.88 16.51
N TRP B 82 -1.72 4.80 15.84
CA TRP B 82 -1.44 3.53 16.51
C TRP B 82 -0.42 2.78 15.66
N ARG B 83 0.11 1.70 16.23
CA ARG B 83 1.11 0.92 15.53
C ARG B 83 0.79 -0.56 15.61
N ASP B 84 1.36 -1.31 14.65
CA ASP B 84 1.42 -2.75 14.69
C ASP B 84 2.90 -3.16 14.69
N ALA B 85 3.16 -4.44 14.49
CA ALA B 85 4.53 -4.93 14.43
C ALA B 85 5.29 -4.41 13.20
N ARG B 86 4.60 -3.90 12.20
CA ARG B 86 5.22 -3.46 10.96
C ARG B 86 5.17 -1.95 10.78
N GLN B 87 4.01 -1.33 10.98
CA GLN B 87 3.77 0.04 10.56
C GLN B 87 3.20 0.87 11.70
N VAL B 88 3.35 2.18 11.54
CA VAL B 88 2.66 3.19 12.35
C VAL B 88 1.63 3.88 11.46
N TYR B 89 0.38 3.87 11.90
CA TYR B 89 -0.72 4.50 11.18
C TYR B 89 -1.14 5.78 11.88
N GLY B 90 -1.54 6.74 11.08
CA GLY B 90 -2.06 8.00 11.61
C GLY B 90 -3.32 8.39 10.87
N LEU B 91 -4.26 8.97 11.60
CA LEU B 91 -5.50 9.49 11.02
C LEU B 91 -5.57 10.98 11.27
N ASN B 92 -5.58 11.77 10.20
CA ASN B 92 -5.71 13.22 10.28
C ASN B 92 -7.17 13.52 9.97
N PHE B 93 -7.97 13.70 11.02
CA PHE B 93 -9.41 13.79 10.84
C PHE B 93 -9.83 15.13 10.25
N GLY B 94 -10.93 15.10 9.51
CA GLY B 94 -11.47 16.30 8.91
C GLY B 94 -12.08 17.26 9.91
N SER B 95 -12.36 16.80 11.13
CA SER B 95 -12.94 17.64 12.16
C SER B 95 -12.75 16.94 13.50
N LYS B 96 -12.91 17.71 14.57
CA LYS B 96 -12.88 17.10 15.90
C LYS B 96 -14.06 16.17 16.13
N GLU B 97 -15.20 16.44 15.50
CA GLU B 97 -16.35 15.53 15.58
C GLU B 97 -16.00 14.18 14.97
N ASP B 98 -15.33 14.18 13.82
CA ASP B 98 -14.85 12.94 13.23
C ASP B 98 -13.88 12.22 14.18
N ALA B 99 -12.97 12.97 14.79
CA ALA B 99 -12.02 12.36 15.73
C ALA B 99 -12.73 11.73 16.92
N ASN B 100 -13.70 12.43 17.50
CA ASN B 100 -14.44 11.90 18.64
C ASN B 100 -15.22 10.65 18.25
N VAL B 101 -15.87 10.68 17.08
CA VAL B 101 -16.62 9.51 16.63
C VAL B 101 -15.70 8.30 16.50
N PHE B 102 -14.57 8.46 15.83
CA PHE B 102 -13.67 7.34 15.63
C PHE B 102 -13.02 6.90 16.94
N ALA B 103 -12.49 7.85 17.71
CA ALA B 103 -11.87 7.50 18.98
C ALA B 103 -12.87 6.82 19.91
N SER B 104 -14.13 7.26 19.91
CA SER B 104 -15.14 6.62 20.73
C SER B 104 -15.34 5.17 20.31
N ALA B 105 -15.38 4.93 18.99
CA ALA B 105 -15.56 3.58 18.47
C ALA B 105 -14.36 2.70 18.76
N MET B 106 -13.15 3.25 18.58
CA MET B 106 -11.93 2.52 18.89
C MET B 106 -11.86 2.16 20.36
N MET B 107 -12.15 3.11 21.25
CA MET B 107 -12.09 2.84 22.68
C MET B 107 -13.13 1.81 23.09
N HIS B 108 -14.29 1.81 22.46
CA HIS B 108 -15.26 0.75 22.70
C HIS B 108 -14.73 -0.60 22.26
N ALA B 109 -14.16 -0.66 21.05
CA ALA B 109 -13.58 -1.90 20.54
C ALA B 109 -12.52 -2.45 21.48
N LEU B 110 -11.66 -1.57 22.01
CA LEU B 110 -10.56 -2.01 22.85
C LEU B 110 -11.06 -2.47 24.21
N GLU B 111 -12.19 -1.92 24.68
CA GLU B 111 -12.87 -2.44 25.86
C GLU B 111 -13.51 -3.79 25.59
N VAL B 112 -14.05 -3.99 24.38
CA VAL B 112 -14.79 -5.22 24.07
C VAL B 112 -13.85 -6.39 23.77
N LEU B 113 -12.64 -6.10 23.28
CA LEU B 113 -11.69 -7.16 22.98
C LEU B 113 -11.21 -7.77 24.29
N PRO C 3 5.49 8.59 16.70
CA PRO C 3 6.12 9.79 16.08
C PRO C 3 5.22 10.86 16.01
N PRO C 4 5.76 12.09 15.95
CA PRO C 4 5.00 13.39 15.90
C PRO C 4 4.12 13.58 14.83
N PRO C 5 2.99 14.28 15.07
CA PRO C 5 2.01 14.62 13.97
C PRO C 5 2.67 15.29 12.94
N PRO C 6 2.13 15.23 11.72
CA PRO C 6 2.72 15.95 10.58
C PRO C 6 2.39 17.30 10.67
N PRO D 3 5.00 10.45 -15.43
CA PRO D 3 5.73 11.51 -14.73
C PRO D 3 7.09 11.22 -14.61
N PRO D 4 7.90 12.28 -14.43
CA PRO D 4 9.39 12.22 -14.29
C PRO D 4 9.84 11.45 -13.21
N PRO D 5 11.00 10.77 -13.35
CA PRO D 5 11.60 9.99 -12.22
C PRO D 5 11.79 10.77 -11.09
N PRO D 6 11.87 10.13 -9.91
CA PRO D 6 12.13 10.91 -8.69
C PRO D 6 13.49 11.24 -8.67
N PRO E 3 0.59 -13.48 -2.25
CA PRO E 3 -0.60 -12.59 -2.21
C PRO E 3 -1.64 -12.94 -3.06
N PRO E 4 -2.90 -12.83 -2.61
CA PRO E 4 -4.07 -13.15 -3.50
C PRO E 4 -4.06 -12.39 -4.66
N PRO E 5 -4.44 -12.97 -5.81
CA PRO E 5 -4.47 -12.22 -7.12
C PRO E 5 -5.02 -10.92 -7.01
N PRO E 6 -4.42 -9.92 -7.71
CA PRO E 6 -4.86 -8.49 -7.72
C PRO E 6 -6.22 -8.31 -7.86
#